data_7C03
#
_entry.id   7C03
#
_cell.length_a   78.130
_cell.length_b   113.590
_cell.length_c   132.700
_cell.angle_alpha   90.000
_cell.angle_beta   90.000
_cell.angle_gamma   90.000
#
_symmetry.space_group_name_H-M   'I 21 21 21'
#
loop_
_entity.id
_entity.type
_entity.pdbx_description
1 polymer POLArISact(T57S)
2 water water
#
_entity_poly.entity_id   1
_entity_poly.type   'polypeptide(L)'
_entity_poly.pdbx_seq_one_letter_code
;MGVVPILVELDGDVNGHKFSVRGEGEGDATIGKLTLKFICTTGKLPVPWPTLVTTL(GYS)VQCFSRYPDHMKRHDFFKS
AMPEGYVQERTISFKDDGKYKTRAVVKFEGDTLVNRIELKGTDFKEDGNILGHKLEYNFNSHNVYITADKQKNGIKANFT
VRHNVEDGSVQLADHYQQNTPIGDGPVLLPDNHYLSTQTVLSKDPNEKRDHMVLHEYVNAAGITLGMDELYKGGGSSKGE
ELFEAAAKASLEIEELARFAVDEHNKKENALLEFVRVVKAKEQSSVPHWWWTTMYYLTLEAKDGGKKKLYEAKVWVKRDP
NMIFKINFKELQEFKPVGDAENLYFQ
;
_entity_poly.pdbx_strand_id   A
#
# COMPACT_ATOMS: atom_id res chain seq x y z
N GLY A 2 3.12 3.97 13.19
CA GLY A 2 4.21 3.09 12.82
C GLY A 2 4.40 2.95 11.32
N VAL A 3 5.60 2.56 10.91
CA VAL A 3 5.95 2.45 9.50
C VAL A 3 5.73 1.02 9.04
N VAL A 4 4.94 0.85 7.98
CA VAL A 4 4.62 -0.44 7.43
C VAL A 4 5.00 -0.42 5.95
N PRO A 5 5.80 -1.37 5.48
CA PRO A 5 6.22 -1.36 4.06
C PRO A 5 5.05 -1.68 3.14
N ILE A 6 5.19 -1.23 1.89
CA ILE A 6 4.13 -1.34 0.89
C ILE A 6 4.73 -1.86 -0.41
N LEU A 7 4.02 -2.79 -1.04
CA LEU A 7 4.37 -3.30 -2.37
C LEU A 7 3.17 -3.14 -3.28
N VAL A 8 3.39 -2.54 -4.45
CA VAL A 8 2.33 -2.33 -5.43
C VAL A 8 2.76 -2.98 -6.75
N GLU A 9 1.81 -3.65 -7.40
CA GLU A 9 2.06 -4.29 -8.69
C GLU A 9 0.81 -4.13 -9.55
N LEU A 10 1.00 -3.61 -10.76
CA LEU A 10 -0.10 -3.31 -11.67
C LEU A 10 0.25 -3.80 -13.07
N ASP A 11 -0.74 -4.41 -13.72
CA ASP A 11 -0.67 -4.75 -15.14
C ASP A 11 -1.78 -4.00 -15.85
N GLY A 12 -1.42 -3.22 -16.86
CA GLY A 12 -2.37 -2.34 -17.52
C GLY A 12 -2.41 -2.55 -19.01
N ASP A 13 -3.59 -2.31 -19.58
CA ASP A 13 -3.82 -2.36 -21.02
C ASP A 13 -4.77 -1.23 -21.38
N VAL A 14 -4.26 -0.21 -22.06
CA VAL A 14 -5.05 0.96 -22.45
C VAL A 14 -5.01 1.07 -23.95
N ASN A 15 -6.15 0.82 -24.61
CA ASN A 15 -6.27 0.84 -26.07
C ASN A 15 -5.20 -0.04 -26.72
N GLY A 16 -5.03 -1.23 -26.17
CA GLY A 16 -4.05 -2.17 -26.69
C GLY A 16 -2.64 -1.98 -26.17
N HIS A 17 -2.35 -0.88 -25.49
CA HIS A 17 -1.00 -0.61 -24.99
C HIS A 17 -0.83 -1.26 -23.62
N LYS A 18 -0.07 -2.36 -23.57
CA LYS A 18 0.22 -3.01 -22.31
C LYS A 18 1.34 -2.28 -21.57
N PHE A 19 1.35 -2.47 -20.25
CA PHE A 19 2.39 -1.93 -19.39
C PHE A 19 2.25 -2.55 -18.01
N SER A 20 3.31 -2.44 -17.22
CA SER A 20 3.34 -2.94 -15.86
C SER A 20 4.10 -1.97 -14.98
N VAL A 21 3.67 -1.85 -13.73
CA VAL A 21 4.24 -0.91 -12.77
C VAL A 21 4.49 -1.64 -11.45
N ARG A 22 5.69 -1.46 -10.90
CA ARG A 22 6.02 -1.93 -9.56
C ARG A 22 6.26 -0.72 -8.66
N GLY A 23 5.72 -0.77 -7.44
CA GLY A 23 5.92 0.31 -6.49
C GLY A 23 6.33 -0.16 -5.11
N GLU A 24 7.35 0.48 -4.53
CA GLU A 24 7.81 0.15 -3.19
C GLU A 24 7.81 1.41 -2.33
N GLY A 25 7.56 1.21 -1.04
CA GLY A 25 7.49 2.33 -0.12
C GLY A 25 7.02 1.91 1.26
N GLU A 26 6.31 2.83 1.92
CA GLU A 26 5.85 2.59 3.27
C GLU A 26 4.76 3.60 3.62
N GLY A 27 3.95 3.24 4.61
CA GLY A 27 2.89 4.11 5.07
C GLY A 27 2.80 4.09 6.58
N ASP A 28 2.27 5.19 7.12
CA ASP A 28 2.07 5.35 8.56
C ASP A 28 0.61 5.74 8.77
N ALA A 29 -0.20 4.78 9.19
CA ALA A 29 -1.62 5.03 9.41
C ALA A 29 -1.88 5.94 10.62
N THR A 30 -0.92 6.04 11.53
CA THR A 30 -1.08 6.94 12.68
C THR A 30 -1.16 8.38 12.24
N ILE A 31 -0.37 8.76 11.23
CA ILE A 31 -0.39 10.12 10.69
C ILE A 31 -0.99 10.17 9.30
N GLY A 32 -1.32 9.03 8.71
CA GLY A 32 -1.91 9.01 7.37
C GLY A 32 -0.97 9.46 6.27
N LYS A 33 0.29 9.05 6.33
CA LYS A 33 1.31 9.49 5.39
C LYS A 33 1.80 8.31 4.56
N LEU A 34 1.94 8.53 3.26
CA LEU A 34 2.45 7.53 2.33
C LEU A 34 3.64 8.11 1.57
N THR A 35 4.66 7.26 1.37
CA THR A 35 5.80 7.59 0.51
C THR A 35 6.03 6.39 -0.41
N LEU A 36 5.78 6.59 -1.70
CA LEU A 36 5.81 5.49 -2.66
C LEU A 36 6.56 5.92 -3.92
N LYS A 37 7.43 5.05 -4.40
CA LYS A 37 8.14 5.25 -5.66
C LYS A 37 7.77 4.13 -6.61
N PHE A 38 7.31 4.49 -7.81
CA PHE A 38 6.80 3.54 -8.77
C PHE A 38 7.73 3.44 -9.97
N ILE A 39 7.88 2.23 -10.49
CA ILE A 39 8.73 1.97 -11.65
C ILE A 39 7.87 1.33 -12.73
N CYS A 40 7.98 1.84 -13.94
CA CYS A 40 7.35 1.20 -15.09
C CYS A 40 8.27 0.08 -15.57
N THR A 41 7.93 -1.15 -15.24
CA THR A 41 8.79 -2.30 -15.49
C THR A 41 8.76 -2.78 -16.93
N THR A 42 7.93 -2.18 -17.79
CA THR A 42 7.93 -2.48 -19.21
C THR A 42 8.61 -1.39 -20.03
N GLY A 43 9.29 -0.45 -19.38
CA GLY A 43 9.97 0.62 -20.08
C GLY A 43 9.20 1.92 -20.10
N LYS A 44 8.62 2.26 -21.24
CA LYS A 44 7.91 3.52 -21.43
C LYS A 44 6.45 3.36 -21.04
N LEU A 45 5.99 4.16 -20.09
CA LEU A 45 4.58 4.13 -19.71
C LEU A 45 3.75 4.81 -20.80
N PRO A 46 2.73 4.15 -21.33
CA PRO A 46 1.97 4.76 -22.44
C PRO A 46 0.87 5.72 -22.00
N VAL A 47 0.69 5.93 -20.70
CA VAL A 47 -0.33 6.86 -20.21
C VAL A 47 0.34 7.84 -19.25
N PRO A 48 -0.28 8.99 -19.00
CA PRO A 48 0.27 9.93 -18.02
C PRO A 48 0.26 9.31 -16.62
N TRP A 49 1.41 9.42 -15.95
CA TRP A 49 1.50 8.97 -14.56
C TRP A 49 0.37 9.47 -13.68
N PRO A 50 -0.09 10.73 -13.77
CA PRO A 50 -1.20 11.14 -12.88
C PRO A 50 -2.46 10.32 -13.04
N THR A 51 -2.71 9.72 -14.22
CA THR A 51 -3.93 8.95 -14.41
C THR A 51 -3.93 7.65 -13.61
N LEU A 52 -2.77 7.20 -13.13
CA LEU A 52 -2.66 5.96 -12.38
C LEU A 52 -2.54 6.17 -10.88
N VAL A 53 -2.59 7.42 -10.41
CA VAL A 53 -2.31 7.70 -9.00
C VAL A 53 -3.35 7.05 -8.10
N THR A 54 -4.64 7.25 -8.40
CA THR A 54 -5.69 6.69 -7.55
C THR A 54 -5.69 5.17 -7.60
N THR A 55 -5.37 4.59 -8.75
CA THR A 55 -5.35 3.13 -8.86
C THR A 55 -4.18 2.53 -8.09
N LEU A 56 -3.00 3.13 -8.24
CA LEU A 56 -1.81 2.64 -7.55
C LEU A 56 -1.89 2.86 -6.05
N VAL A 58 -4.22 2.50 -1.47
CA VAL A 58 -4.08 1.76 -0.24
C VAL A 58 -4.67 2.58 0.90
N GLN A 59 -5.98 2.82 0.80
CA GLN A 59 -6.67 3.75 1.69
C GLN A 59 -6.75 3.23 3.12
N CYS A 60 -6.26 2.01 3.34
CA CYS A 60 -6.13 1.50 4.70
C CYS A 60 -5.10 2.28 5.52
N PHE A 61 -4.28 3.10 4.88
CA PHE A 61 -3.32 3.95 5.57
C PHE A 61 -3.86 5.33 5.87
N SER A 62 -5.15 5.58 5.59
CA SER A 62 -5.76 6.83 5.96
C SER A 62 -5.81 6.97 7.47
N ARG A 63 -5.66 8.20 7.95
CA ARG A 63 -5.68 8.48 9.38
C ARG A 63 -7.13 8.73 9.79
N TYR A 64 -7.67 7.83 10.61
CA TYR A 64 -8.99 8.01 11.18
C TYR A 64 -8.86 8.57 12.58
N PRO A 65 -9.42 9.75 12.88
CA PRO A 65 -9.37 10.26 14.25
C PRO A 65 -10.04 9.30 15.22
N ASP A 66 -9.72 9.48 16.50
CA ASP A 66 -10.20 8.56 17.53
C ASP A 66 -11.72 8.45 17.53
N HIS A 67 -12.41 9.57 17.32
CA HIS A 67 -13.87 9.56 17.32
C HIS A 67 -14.46 8.96 16.05
N MET A 68 -13.62 8.48 15.13
CA MET A 68 -14.11 7.89 13.90
C MET A 68 -13.57 6.49 13.63
N LYS A 69 -12.77 5.92 14.54
CA LYS A 69 -12.24 4.58 14.35
C LYS A 69 -13.35 3.54 14.16
N ARG A 70 -14.56 3.84 14.60
CA ARG A 70 -15.71 2.97 14.34
C ARG A 70 -15.93 2.77 12.84
N HIS A 71 -15.52 3.74 12.03
CA HIS A 71 -15.92 3.80 10.63
C HIS A 71 -14.80 3.45 9.67
N ASP A 72 -13.72 2.83 10.16
CA ASP A 72 -12.58 2.48 9.30
C ASP A 72 -12.79 1.07 8.78
N PHE A 73 -13.44 0.97 7.62
CA PHE A 73 -13.66 -0.33 7.01
C PHE A 73 -12.35 -0.94 6.53
N PHE A 74 -11.45 -0.11 5.97
CA PHE A 74 -10.27 -0.64 5.29
C PHE A 74 -9.41 -1.47 6.23
N LYS A 75 -9.16 -0.96 7.44
CA LYS A 75 -8.34 -1.70 8.39
C LYS A 75 -9.08 -2.92 8.94
N SER A 76 -10.41 -2.80 9.11
CA SER A 76 -11.17 -3.90 9.70
C SER A 76 -11.14 -5.14 8.82
N ALA A 77 -10.98 -4.98 7.51
CA ALA A 77 -10.94 -6.10 6.59
C ALA A 77 -9.56 -6.75 6.50
N MET A 78 -8.61 -6.31 7.30
CA MET A 78 -7.25 -6.83 7.32
C MET A 78 -7.10 -7.86 8.43
N PRO A 79 -6.16 -8.83 8.29
CA PRO A 79 -5.18 -8.99 7.22
C PRO A 79 -5.67 -9.78 5.99
N GLU A 80 -6.90 -10.31 6.04
CA GLU A 80 -7.43 -11.02 4.87
C GLU A 80 -7.50 -10.11 3.66
N GLY A 81 -7.85 -8.85 3.87
CA GLY A 81 -7.82 -7.86 2.83
C GLY A 81 -9.19 -7.57 2.24
N TYR A 82 -9.17 -6.79 1.17
CA TYR A 82 -10.39 -6.46 0.45
C TYR A 82 -10.08 -6.37 -1.04
N VAL A 83 -11.13 -6.37 -1.85
CA VAL A 83 -11.02 -6.20 -3.29
C VAL A 83 -11.55 -4.81 -3.63
N GLN A 84 -10.72 -4.01 -4.29
CA GLN A 84 -11.07 -2.65 -4.68
C GLN A 84 -11.28 -2.60 -6.18
N GLU A 85 -12.51 -2.35 -6.60
CA GLU A 85 -12.86 -2.20 -8.01
C GLU A 85 -13.30 -0.77 -8.29
N ARG A 86 -12.86 -0.23 -9.43
CA ARG A 86 -13.16 1.14 -9.80
C ARG A 86 -13.49 1.23 -11.28
N THR A 87 -14.32 2.21 -11.62
CA THR A 87 -14.51 2.68 -12.99
C THR A 87 -14.15 4.16 -13.01
N ILE A 88 -13.07 4.49 -13.71
CA ILE A 88 -12.60 5.86 -13.84
C ILE A 88 -13.01 6.36 -15.21
N SER A 89 -14.00 7.25 -15.25
CA SER A 89 -14.57 7.75 -16.50
C SER A 89 -13.97 9.13 -16.79
N PHE A 90 -12.99 9.17 -17.69
CA PHE A 90 -12.41 10.42 -18.11
C PHE A 90 -13.39 11.16 -19.02
N LYS A 91 -13.75 12.37 -18.66
CA LYS A 91 -14.76 13.12 -19.40
C LYS A 91 -14.25 13.42 -20.81
N ASP A 92 -15.15 13.23 -21.79
CA ASP A 92 -14.82 13.44 -23.20
C ASP A 92 -13.68 12.53 -23.66
N ASP A 93 -13.51 11.39 -22.98
CA ASP A 93 -12.46 10.45 -23.34
C ASP A 93 -12.85 9.06 -22.82
N GLY A 94 -11.86 8.16 -22.71
CA GLY A 94 -12.14 6.77 -22.42
C GLY A 94 -12.37 6.51 -20.94
N LYS A 95 -12.34 5.22 -20.60
CA LYS A 95 -12.60 4.76 -19.25
C LYS A 95 -11.52 3.80 -18.78
N TYR A 96 -11.25 3.83 -17.48
CA TYR A 96 -10.47 2.80 -16.82
C TYR A 96 -11.39 1.87 -16.04
N LYS A 97 -11.12 0.57 -16.11
CA LYS A 97 -11.74 -0.40 -15.24
C LYS A 97 -10.63 -1.14 -14.50
N THR A 98 -10.69 -1.12 -13.16
CA THR A 98 -9.63 -1.66 -12.34
C THR A 98 -10.20 -2.63 -11.31
N ARG A 99 -9.39 -3.63 -10.97
CA ARG A 99 -9.68 -4.59 -9.90
C ARG A 99 -8.40 -4.87 -9.15
N ALA A 100 -8.41 -4.67 -7.84
CA ALA A 100 -7.21 -4.77 -7.02
C ALA A 100 -7.45 -5.66 -5.82
N VAL A 101 -6.39 -6.35 -5.40
CA VAL A 101 -6.39 -7.18 -4.20
C VAL A 101 -5.44 -6.53 -3.21
N VAL A 102 -6.00 -5.84 -2.21
CA VAL A 102 -5.22 -5.21 -1.15
C VAL A 102 -5.28 -6.12 0.06
N LYS A 103 -4.12 -6.58 0.54
CA LYS A 103 -4.07 -7.47 1.68
C LYS A 103 -2.64 -7.50 2.20
N PHE A 104 -2.46 -8.17 3.33
CA PHE A 104 -1.14 -8.34 3.91
C PHE A 104 -0.49 -9.62 3.42
N GLU A 105 0.84 -9.55 3.28
CA GLU A 105 1.66 -10.73 2.99
C GLU A 105 2.87 -10.64 3.91
N GLY A 106 2.85 -11.40 5.00
CA GLY A 106 3.83 -11.19 6.05
C GLY A 106 3.54 -9.85 6.71
N ASP A 107 4.58 -9.04 6.88
CA ASP A 107 4.41 -7.70 7.43
C ASP A 107 4.18 -6.64 6.35
N THR A 108 4.08 -7.04 5.09
CA THR A 108 4.00 -6.12 3.97
C THR A 108 2.56 -6.01 3.48
N LEU A 109 2.10 -4.78 3.27
CA LEU A 109 0.79 -4.51 2.69
C LEU A 109 0.94 -4.46 1.17
N VAL A 110 0.22 -5.34 0.48
CA VAL A 110 0.40 -5.54 -0.95
C VAL A 110 -0.87 -5.12 -1.69
N ASN A 111 -0.69 -4.47 -2.84
CA ASN A 111 -1.78 -4.02 -3.70
C ASN A 111 -1.47 -4.45 -5.13
N ARG A 112 -2.16 -5.47 -5.61
CA ARG A 112 -1.98 -5.98 -6.97
C ARG A 112 -3.21 -5.64 -7.79
N ILE A 113 -3.01 -4.95 -8.91
CA ILE A 113 -4.09 -4.39 -9.70
C ILE A 113 -3.98 -4.88 -11.15
N GLU A 114 -5.15 -5.10 -11.77
CA GLU A 114 -5.27 -5.24 -13.21
C GLU A 114 -6.10 -4.07 -13.74
N LEU A 115 -5.64 -3.44 -14.81
CA LEU A 115 -6.29 -2.26 -15.36
C LEU A 115 -6.50 -2.45 -16.86
N LYS A 116 -7.69 -2.07 -17.34
CA LYS A 116 -8.05 -2.14 -18.75
C LYS A 116 -8.72 -0.83 -19.14
N GLY A 117 -8.17 -0.16 -20.15
CA GLY A 117 -8.69 1.12 -20.62
C GLY A 117 -9.21 1.00 -22.04
N THR A 118 -10.38 1.58 -22.29
CA THR A 118 -11.04 1.45 -23.58
C THR A 118 -11.57 2.81 -24.05
N ASP A 119 -11.80 2.90 -25.36
CA ASP A 119 -12.49 4.03 -25.99
C ASP A 119 -11.75 5.34 -25.78
N PHE A 120 -10.42 5.30 -25.69
CA PHE A 120 -9.64 6.51 -25.51
C PHE A 120 -9.29 7.13 -26.85
N LYS A 121 -9.36 8.45 -26.92
CA LYS A 121 -9.01 9.17 -28.13
C LYS A 121 -7.49 9.28 -28.23
N GLU A 122 -6.95 8.91 -29.40
CA GLU A 122 -5.51 8.76 -29.54
C GLU A 122 -4.76 10.06 -29.33
N ASP A 123 -5.40 11.20 -29.61
CA ASP A 123 -4.77 12.49 -29.32
C ASP A 123 -5.62 13.28 -28.34
N GLY A 124 -6.07 12.61 -27.27
CA GLY A 124 -6.70 13.28 -26.15
C GLY A 124 -5.70 13.62 -25.07
N ASN A 125 -6.23 14.05 -23.93
CA ASN A 125 -5.37 14.44 -22.82
C ASN A 125 -4.53 13.28 -22.30
N ILE A 126 -5.04 12.06 -22.44
CA ILE A 126 -4.38 10.89 -21.86
C ILE A 126 -3.40 10.29 -22.85
N LEU A 127 -3.90 9.79 -23.98
CA LEU A 127 -3.02 9.17 -24.96
C LEU A 127 -2.10 10.19 -25.62
N GLY A 128 -2.52 11.45 -25.67
CA GLY A 128 -1.68 12.52 -26.19
C GLY A 128 -0.68 13.10 -25.22
N HIS A 129 -0.71 12.67 -23.95
CA HIS A 129 0.22 13.14 -22.92
C HIS A 129 0.17 14.66 -22.77
N LYS A 130 -1.01 15.16 -22.41
CA LYS A 130 -1.24 16.59 -22.25
C LYS A 130 -1.55 16.97 -20.81
N LEU A 131 -1.40 16.04 -19.87
CA LEU A 131 -1.69 16.29 -18.47
C LEU A 131 -0.42 16.71 -17.75
N GLU A 132 -0.52 17.77 -16.94
CA GLU A 132 0.61 18.23 -16.15
C GLU A 132 0.98 17.20 -15.08
N TYR A 133 2.27 17.16 -14.75
CA TYR A 133 2.79 16.21 -13.77
C TYR A 133 2.59 16.81 -12.37
N ASN A 134 1.33 16.80 -11.94
CA ASN A 134 0.96 17.31 -10.63
C ASN A 134 -0.36 16.65 -10.23
N PHE A 135 -0.79 16.93 -9.00
CA PHE A 135 -2.01 16.33 -8.47
C PHE A 135 -2.71 17.31 -7.55
N ASN A 136 -4.02 17.14 -7.41
CA ASN A 136 -4.85 18.02 -6.60
C ASN A 136 -5.36 17.28 -5.37
N SER A 137 -6.07 18.03 -4.52
CA SER A 137 -6.71 17.47 -3.34
C SER A 137 -8.16 17.15 -3.64
N HIS A 138 -8.65 16.03 -3.11
CA HIS A 138 -10.01 15.60 -3.35
C HIS A 138 -10.59 14.99 -2.08
N ASN A 139 -11.92 14.91 -2.04
CA ASN A 139 -12.65 14.26 -0.96
C ASN A 139 -13.25 12.96 -1.49
N VAL A 140 -12.85 11.84 -0.89
CA VAL A 140 -13.35 10.52 -1.28
C VAL A 140 -14.59 10.25 -0.44
N TYR A 141 -15.76 10.48 -1.02
CA TYR A 141 -17.02 10.37 -0.28
C TYR A 141 -17.40 8.90 -0.14
N ILE A 142 -17.29 8.38 1.08
CA ILE A 142 -17.50 6.97 1.38
C ILE A 142 -18.91 6.78 1.94
N THR A 143 -19.57 5.71 1.50
CA THR A 143 -20.86 5.33 2.04
C THR A 143 -20.90 3.81 2.18
N ALA A 144 -21.71 3.33 3.13
CA ALA A 144 -21.76 1.90 3.40
C ALA A 144 -22.57 1.17 2.34
N ASP A 145 -22.25 -0.11 2.15
CA ASP A 145 -22.96 -1.01 1.23
C ASP A 145 -23.23 -2.30 2.01
N LYS A 146 -24.27 -2.26 2.86
CA LYS A 146 -24.59 -3.42 3.68
C LYS A 146 -24.87 -4.65 2.82
N GLN A 147 -25.47 -4.44 1.65
CA GLN A 147 -25.90 -5.55 0.80
C GLN A 147 -24.74 -6.45 0.42
N LYS A 148 -23.57 -5.87 0.12
CA LYS A 148 -22.38 -6.63 -0.23
C LYS A 148 -21.33 -6.61 0.87
N ASN A 149 -21.70 -6.22 2.10
CA ASN A 149 -20.83 -6.28 3.27
C ASN A 149 -19.55 -5.46 3.05
N GLY A 150 -19.69 -4.32 2.39
CA GLY A 150 -18.56 -3.48 2.06
C GLY A 150 -18.95 -2.03 1.96
N ILE A 151 -18.28 -1.29 1.08
CA ILE A 151 -18.52 0.14 0.91
C ILE A 151 -18.46 0.50 -0.57
N LYS A 152 -19.11 1.60 -0.91
CA LYS A 152 -18.94 2.27 -2.19
C LYS A 152 -18.33 3.65 -1.96
N ALA A 153 -17.64 4.16 -2.98
CA ALA A 153 -17.01 5.47 -2.87
C ALA A 153 -17.18 6.22 -4.19
N ASN A 154 -17.28 7.54 -4.08
CA ASN A 154 -17.54 8.39 -5.23
C ASN A 154 -16.78 9.71 -5.07
N PHE A 155 -16.04 10.08 -6.11
CA PHE A 155 -15.34 11.36 -6.15
C PHE A 155 -14.94 11.62 -7.60
N THR A 156 -14.49 12.85 -7.85
CA THR A 156 -14.11 13.30 -9.19
C THR A 156 -12.72 13.90 -9.13
N VAL A 157 -11.76 13.23 -9.75
CA VAL A 157 -10.38 13.70 -9.75
C VAL A 157 -10.21 14.77 -10.81
N ARG A 158 -9.50 15.85 -10.47
CA ARG A 158 -9.21 16.94 -11.39
C ARG A 158 -7.75 16.83 -11.83
N HIS A 159 -7.54 16.71 -13.14
CA HIS A 159 -6.21 16.70 -13.73
C HIS A 159 -5.97 18.02 -14.46
N ASN A 160 -4.98 18.77 -13.99
CA ASN A 160 -4.62 20.02 -14.66
C ASN A 160 -3.89 19.72 -15.96
N VAL A 161 -4.37 20.31 -17.06
CA VAL A 161 -3.75 20.13 -18.36
C VAL A 161 -3.00 21.40 -18.73
N GLU A 162 -2.08 21.27 -19.67
CA GLU A 162 -1.10 22.34 -19.92
C GLU A 162 -1.73 23.56 -20.57
N ASP A 163 -2.83 23.40 -21.30
CA ASP A 163 -3.42 24.57 -21.96
C ASP A 163 -4.28 25.40 -21.01
N GLY A 164 -4.31 25.07 -19.72
CA GLY A 164 -5.08 25.82 -18.74
C GLY A 164 -6.38 25.17 -18.32
N SER A 165 -6.90 24.24 -19.10
CA SER A 165 -8.17 23.62 -18.77
C SER A 165 -7.97 22.50 -17.75
N VAL A 166 -9.06 21.80 -17.43
CA VAL A 166 -9.08 20.77 -16.41
C VAL A 166 -9.74 19.53 -16.99
N GLN A 167 -9.04 18.39 -16.92
CA GLN A 167 -9.58 17.10 -17.34
C GLN A 167 -10.18 16.40 -16.13
N LEU A 168 -11.48 16.15 -16.17
CA LEU A 168 -12.19 15.51 -15.07
C LEU A 168 -12.16 14.00 -15.21
N ALA A 169 -12.16 13.31 -14.07
CA ALA A 169 -12.12 11.85 -14.03
C ALA A 169 -13.06 11.38 -12.92
N ASP A 170 -14.26 10.96 -13.30
CA ASP A 170 -15.24 10.48 -12.32
C ASP A 170 -14.85 9.09 -11.84
N HIS A 171 -14.76 8.93 -10.53
CA HIS A 171 -14.39 7.66 -9.90
C HIS A 171 -15.62 7.02 -9.28
N TYR A 172 -15.86 5.75 -9.65
CA TYR A 172 -16.91 4.93 -9.05
C TYR A 172 -16.23 3.72 -8.41
N GLN A 173 -16.26 3.65 -7.09
CA GLN A 173 -15.44 2.70 -6.34
C GLN A 173 -16.31 1.73 -5.55
N GLN A 174 -15.82 0.49 -5.43
CA GLN A 174 -16.47 -0.56 -4.67
C GLN A 174 -15.40 -1.36 -3.95
N ASN A 175 -15.61 -1.59 -2.65
CA ASN A 175 -14.66 -2.35 -1.83
C ASN A 175 -15.39 -3.48 -1.14
N THR A 176 -14.90 -4.71 -1.33
CA THR A 176 -15.53 -5.91 -0.79
C THR A 176 -14.47 -6.73 -0.07
N PRO A 177 -14.74 -7.19 1.15
CA PRO A 177 -13.73 -7.94 1.91
C PRO A 177 -13.54 -9.35 1.35
N ILE A 178 -12.37 -9.90 1.64
CA ILE A 178 -12.02 -11.25 1.22
C ILE A 178 -12.36 -12.28 2.28
N GLY A 179 -12.19 -11.93 3.55
CA GLY A 179 -12.55 -12.84 4.61
C GLY A 179 -14.03 -12.82 4.94
N ASP A 180 -14.46 -13.81 5.73
CA ASP A 180 -15.86 -13.94 6.12
C ASP A 180 -16.15 -13.37 7.50
N GLY A 181 -15.13 -12.98 8.26
CA GLY A 181 -15.32 -12.41 9.58
C GLY A 181 -15.97 -11.05 9.52
N PRO A 182 -16.33 -10.51 10.67
CA PRO A 182 -17.01 -9.21 10.70
C PRO A 182 -16.09 -8.08 10.26
N VAL A 183 -16.69 -7.08 9.63
CA VAL A 183 -15.99 -5.86 9.24
C VAL A 183 -16.86 -4.67 9.58
N LEU A 184 -16.20 -3.56 9.92
CA LEU A 184 -16.92 -2.35 10.29
C LEU A 184 -17.54 -1.71 9.06
N LEU A 185 -18.84 -1.44 9.12
CA LEU A 185 -19.55 -0.76 8.05
C LEU A 185 -19.84 0.66 8.49
N PRO A 186 -19.30 1.66 7.81
CA PRO A 186 -19.28 3.03 8.35
C PRO A 186 -20.51 3.85 7.99
N ASP A 187 -20.74 4.87 8.82
CA ASP A 187 -21.61 5.96 8.42
C ASP A 187 -20.95 6.76 7.31
N ASN A 188 -21.75 7.61 6.66
CA ASN A 188 -21.23 8.41 5.56
C ASN A 188 -20.15 9.36 6.05
N HIS A 189 -18.99 9.31 5.40
CA HIS A 189 -17.90 10.23 5.68
C HIS A 189 -17.06 10.36 4.41
N TYR A 190 -15.96 11.11 4.52
CA TYR A 190 -15.08 11.30 3.39
C TYR A 190 -13.63 11.31 3.86
N LEU A 191 -12.73 10.99 2.93
CA LEU A 191 -11.30 11.03 3.16
C LEU A 191 -10.71 12.26 2.48
N SER A 192 -10.00 13.08 3.25
CA SER A 192 -9.30 14.24 2.71
C SER A 192 -7.92 13.80 2.22
N THR A 193 -7.70 13.92 0.91
CA THR A 193 -6.47 13.43 0.29
C THR A 193 -5.72 14.58 -0.37
N GLN A 194 -4.41 14.63 -0.14
CA GLN A 194 -3.52 15.54 -0.85
C GLN A 194 -2.30 14.76 -1.32
N THR A 195 -1.87 15.01 -2.55
CA THR A 195 -0.79 14.23 -3.15
C THR A 195 0.15 15.15 -3.92
N VAL A 196 1.45 14.86 -3.86
CA VAL A 196 2.45 15.56 -4.65
C VAL A 196 3.27 14.53 -5.41
N LEU A 197 3.48 14.78 -6.70
CA LEU A 197 4.26 13.91 -7.57
C LEU A 197 5.61 14.57 -7.87
N SER A 198 6.68 13.79 -7.75
CA SER A 198 8.03 14.27 -7.99
C SER A 198 8.84 13.22 -8.72
N LYS A 199 10.12 13.50 -8.91
CA LYS A 199 11.04 12.63 -9.63
C LYS A 199 12.29 12.39 -8.79
N ASP A 200 12.82 11.17 -8.86
CA ASP A 200 14.13 10.83 -8.34
C ASP A 200 15.18 11.20 -9.37
N PRO A 201 16.01 12.20 -9.10
CA PRO A 201 17.01 12.63 -10.10
C PRO A 201 18.01 11.55 -10.44
N ASN A 202 18.25 10.58 -9.55
CA ASN A 202 19.18 9.50 -9.85
C ASN A 202 18.55 8.37 -10.65
N GLU A 203 17.24 8.41 -10.91
CA GLU A 203 16.52 7.30 -11.50
C GLU A 203 16.44 7.48 -13.00
N LYS A 204 16.91 6.46 -13.74
CA LYS A 204 16.89 6.50 -15.19
C LYS A 204 15.58 5.99 -15.77
N ARG A 205 14.91 5.06 -15.10
CA ARG A 205 13.70 4.44 -15.61
C ARG A 205 12.51 5.41 -15.52
N ASP A 206 11.51 5.15 -16.35
CA ASP A 206 10.25 5.88 -16.27
C ASP A 206 9.59 5.59 -14.93
N HIS A 207 9.40 6.62 -14.11
CA HIS A 207 9.06 6.40 -12.72
C HIS A 207 8.19 7.55 -12.19
N MET A 208 7.72 7.37 -10.95
CA MET A 208 6.96 8.41 -10.26
C MET A 208 7.17 8.27 -8.76
N VAL A 209 7.60 9.35 -8.12
CA VAL A 209 7.69 9.45 -6.67
C VAL A 209 6.45 10.15 -6.16
N LEU A 210 5.90 9.65 -5.05
CA LEU A 210 4.58 10.06 -4.60
C LEU A 210 4.56 10.19 -3.08
N HIS A 211 4.19 11.38 -2.59
CA HIS A 211 3.88 11.61 -1.18
C HIS A 211 2.43 12.03 -1.08
N GLU A 212 1.68 11.37 -0.20
CA GLU A 212 0.32 11.83 0.05
C GLU A 212 -0.06 11.67 1.52
N TYR A 213 -0.93 12.57 1.98
CA TYR A 213 -1.48 12.55 3.32
C TYR A 213 -2.99 12.37 3.21
N VAL A 214 -3.54 11.44 3.98
CA VAL A 214 -4.96 11.12 3.92
C VAL A 214 -5.55 11.24 5.33
N ASN A 215 -6.68 11.93 5.44
CA ASN A 215 -7.35 12.14 6.71
C ASN A 215 -8.84 11.87 6.56
N ALA A 216 -9.40 11.09 7.49
CA ALA A 216 -10.83 10.87 7.51
C ALA A 216 -11.53 12.02 8.22
N ALA A 217 -12.69 12.41 7.70
CA ALA A 217 -13.43 13.52 8.27
C ALA A 217 -14.89 13.39 7.84
N GLY A 218 -15.71 14.33 8.30
CA GLY A 218 -17.11 14.36 7.92
C GLY A 218 -18.08 13.84 8.96
N ILE A 219 -17.58 13.40 10.12
CA ILE A 219 -18.42 12.93 11.22
C ILE A 219 -18.03 13.75 12.45
N THR A 220 -18.85 14.72 12.81
CA THR A 220 -18.49 15.67 13.85
C THR A 220 -18.44 15.00 15.21
N LEU A 221 -17.47 15.41 16.04
CA LEU A 221 -17.26 14.87 17.37
C LEU A 221 -18.52 15.02 18.23
N GLY A 222 -19.32 13.96 18.28
CA GLY A 222 -20.55 13.98 19.05
C GLY A 222 -21.44 12.78 18.76
N MET A 223 -21.01 11.60 19.20
CA MET A 223 -21.76 10.39 18.92
C MET A 223 -22.73 10.07 20.05
N SER A 233 -9.38 -0.53 19.00
CA SER A 233 -9.62 -0.81 17.59
C SER A 233 -8.78 -1.97 17.09
N LYS A 234 -9.42 -2.94 16.44
CA LYS A 234 -8.71 -4.08 15.88
C LYS A 234 -7.76 -3.63 14.77
N GLY A 235 -8.24 -2.75 13.90
CA GLY A 235 -7.46 -2.37 12.74
C GLY A 235 -6.19 -1.60 13.11
N GLU A 236 -6.31 -0.60 13.98
CA GLU A 236 -5.15 0.17 14.41
C GLU A 236 -4.09 -0.73 15.05
N GLU A 237 -4.52 -1.65 15.91
CA GLU A 237 -3.55 -2.51 16.58
C GLU A 237 -2.84 -3.44 15.60
N LEU A 238 -3.53 -3.84 14.53
CA LEU A 238 -2.88 -4.69 13.54
C LEU A 238 -1.79 -3.93 12.78
N PHE A 239 -2.08 -2.70 12.37
CA PHE A 239 -1.09 -1.92 11.65
C PHE A 239 0.07 -1.50 12.54
N GLU A 240 -0.22 -1.15 13.80
CA GLU A 240 0.85 -0.89 14.75
C GLU A 240 1.68 -2.14 15.00
N ALA A 241 1.06 -3.33 14.94
CA ALA A 241 1.81 -4.57 15.11
C ALA A 241 2.63 -4.90 13.87
N ALA A 242 2.07 -4.69 12.68
CA ALA A 242 2.84 -4.92 11.46
C ALA A 242 4.05 -3.99 11.39
N ALA A 243 3.92 -2.77 11.90
CA ALA A 243 5.06 -1.87 12.00
C ALA A 243 6.07 -2.38 13.01
N LYS A 244 5.60 -2.78 14.20
CA LYS A 244 6.50 -3.36 15.19
C LYS A 244 7.11 -4.66 14.67
N ALA A 245 6.36 -5.41 13.87
CA ALA A 245 6.92 -6.60 13.23
C ALA A 245 8.04 -6.21 12.28
N SER A 246 7.77 -5.25 11.38
CA SER A 246 8.77 -4.83 10.41
C SER A 246 10.01 -4.28 11.10
N LEU A 247 9.81 -3.48 12.16
CA LEU A 247 10.92 -3.01 12.96
C LEU A 247 11.72 -4.18 13.56
N GLU A 248 11.06 -5.31 13.78
CA GLU A 248 11.67 -6.47 14.39
C GLU A 248 12.43 -7.33 13.38
N ILE A 249 11.96 -7.40 12.13
CA ILE A 249 12.73 -8.09 11.11
C ILE A 249 14.01 -7.32 10.83
N GLU A 250 14.00 -6.00 11.02
CA GLU A 250 15.19 -5.20 10.80
C GLU A 250 16.27 -5.56 11.81
N GLU A 251 15.91 -5.53 13.11
CA GLU A 251 16.84 -5.95 14.17
C GLU A 251 17.31 -7.37 13.94
N LEU A 252 16.38 -8.29 13.65
CA LEU A 252 16.75 -9.70 13.51
C LEU A 252 17.58 -9.96 12.26
N ALA A 253 17.55 -9.06 11.29
CA ALA A 253 18.51 -9.08 10.19
C ALA A 253 19.78 -8.33 10.56
N ARG A 254 19.65 -7.18 11.20
CA ARG A 254 20.80 -6.46 11.74
C ARG A 254 21.52 -7.28 12.81
N PHE A 255 20.82 -8.21 13.45
CA PHE A 255 21.43 -9.13 14.40
C PHE A 255 22.15 -10.27 13.69
N ALA A 256 21.57 -10.76 12.59
CA ALA A 256 22.18 -11.87 11.86
C ALA A 256 23.50 -11.47 11.22
N VAL A 257 23.59 -10.23 10.73
CA VAL A 257 24.84 -9.71 10.19
C VAL A 257 25.89 -9.64 11.29
N ASP A 258 25.51 -9.04 12.41
CA ASP A 258 26.43 -8.88 13.54
C ASP A 258 26.92 -10.21 14.09
N GLU A 259 26.20 -11.30 13.82
CA GLU A 259 26.55 -12.60 14.38
C GLU A 259 27.13 -13.58 13.37
N HIS A 260 27.30 -13.17 12.11
CA HIS A 260 28.19 -13.90 11.20
C HIS A 260 29.50 -13.14 10.99
N ASN A 261 29.65 -11.99 11.64
CA ASN A 261 30.95 -11.36 11.75
C ASN A 261 31.81 -12.11 12.76
N LYS A 262 31.31 -12.22 13.99
CA LYS A 262 32.06 -12.86 15.08
C LYS A 262 32.03 -14.37 15.01
N LYS A 263 31.11 -14.96 14.23
CA LYS A 263 31.02 -16.42 14.17
C LYS A 263 32.08 -16.99 13.24
N GLU A 264 32.09 -16.56 11.98
CA GLU A 264 33.00 -17.08 10.96
C GLU A 264 33.70 -15.90 10.29
N ASN A 265 34.61 -15.26 11.04
CA ASN A 265 35.46 -14.13 10.65
C ASN A 265 35.08 -13.42 9.35
N ALA A 266 34.43 -12.27 9.47
CA ALA A 266 34.09 -11.44 8.32
C ALA A 266 33.85 -10.02 8.82
N LEU A 267 33.41 -9.15 7.92
CA LEU A 267 33.09 -7.77 8.27
C LEU A 267 32.07 -7.25 7.26
N LEU A 268 30.81 -7.15 7.70
CA LEU A 268 29.72 -6.72 6.85
C LEU A 268 28.75 -5.86 7.65
N GLU A 269 28.08 -4.95 6.95
CA GLU A 269 26.99 -4.16 7.51
C GLU A 269 25.83 -4.19 6.52
N PHE A 270 24.61 -4.28 7.03
CA PHE A 270 23.47 -4.54 6.15
C PHE A 270 22.98 -3.27 5.48
N VAL A 271 22.54 -3.39 4.23
CA VAL A 271 22.00 -2.25 3.51
C VAL A 271 20.51 -2.09 3.78
N ARG A 272 19.72 -3.09 3.40
CA ARG A 272 18.28 -3.08 3.61
C ARG A 272 17.81 -4.46 4.02
N VAL A 273 16.55 -4.53 4.41
CA VAL A 273 15.88 -5.81 4.66
C VAL A 273 15.03 -6.14 3.44
N VAL A 274 15.02 -7.41 3.05
CA VAL A 274 14.35 -7.86 1.84
C VAL A 274 13.69 -9.21 2.12
N LYS A 275 12.36 -9.26 2.11
CA LYS A 275 11.59 -10.50 2.18
C LYS A 275 11.71 -11.17 3.55
N ALA A 276 10.58 -11.55 4.14
CA ALA A 276 10.56 -12.16 5.46
C ALA A 276 9.51 -13.26 5.52
N LYS A 277 9.82 -14.34 6.24
CA LYS A 277 8.89 -15.47 6.34
C LYS A 277 9.01 -16.09 7.74
N GLU A 278 7.92 -16.04 8.50
CA GLU A 278 7.74 -16.94 9.63
C GLU A 278 7.34 -18.30 9.09
N GLN A 279 7.50 -19.35 9.92
CA GLN A 279 7.23 -20.70 9.43
C GLN A 279 6.77 -21.60 10.57
N SER A 280 6.65 -22.90 10.24
CA SER A 280 6.40 -24.02 11.14
C SER A 280 4.94 -24.15 11.57
N SER A 281 4.54 -25.38 11.86
CA SER A 281 3.28 -25.70 12.52
C SER A 281 3.38 -25.53 14.04
N VAL A 282 4.51 -25.01 14.53
CA VAL A 282 4.70 -24.69 15.94
C VAL A 282 3.59 -23.75 16.38
N PRO A 283 2.89 -24.06 17.47
CA PRO A 283 1.74 -23.22 17.87
C PRO A 283 2.13 -21.80 18.21
N HIS A 284 1.12 -20.92 18.27
CA HIS A 284 1.38 -19.53 18.64
C HIS A 284 1.66 -19.41 20.14
N TRP A 285 0.97 -20.21 20.95
CA TRP A 285 1.15 -20.16 22.40
C TRP A 285 2.48 -20.74 22.85
N TRP A 286 3.31 -21.26 21.95
CA TRP A 286 4.68 -21.58 22.31
C TRP A 286 5.52 -20.33 22.52
N TRP A 287 5.07 -19.20 22.00
CA TRP A 287 5.83 -17.94 22.02
C TRP A 287 7.24 -18.18 21.51
N THR A 288 7.29 -18.81 20.34
CA THR A 288 8.53 -19.31 19.75
C THR A 288 8.32 -19.43 18.25
N THR A 289 9.19 -18.78 17.48
CA THR A 289 9.01 -18.67 16.04
C THR A 289 10.35 -18.77 15.34
N MET A 290 10.30 -19.19 14.08
CA MET A 290 11.50 -19.36 13.25
C MET A 290 11.36 -18.46 12.03
N TYR A 291 12.10 -17.35 12.02
CA TYR A 291 12.10 -16.42 10.90
C TYR A 291 13.02 -16.92 9.79
N TYR A 292 12.75 -16.46 8.57
CA TYR A 292 13.59 -16.75 7.41
C TYR A 292 13.83 -15.43 6.66
N LEU A 293 15.08 -14.99 6.62
CA LEU A 293 15.44 -13.69 6.07
C LEU A 293 16.30 -13.84 4.82
N THR A 294 16.31 -12.77 4.02
CA THR A 294 17.17 -12.66 2.85
C THR A 294 17.72 -11.24 2.81
N LEU A 295 19.03 -11.11 2.91
CA LEU A 295 19.62 -9.85 3.35
C LEU A 295 20.56 -9.28 2.30
N GLU A 296 20.99 -8.04 2.54
CA GLU A 296 21.93 -7.32 1.68
C GLU A 296 23.31 -7.45 2.31
N ALA A 297 24.06 -8.45 1.86
CA ALA A 297 25.41 -8.67 2.39
C ALA A 297 26.40 -7.70 1.78
N ALA A 308 19.80 -16.56 6.18
CA ALA A 308 19.94 -16.44 7.63
C ALA A 308 18.63 -16.82 8.32
N LYS A 309 18.70 -17.80 9.20
CA LYS A 309 17.55 -18.28 9.96
C LYS A 309 17.74 -17.92 11.42
N VAL A 310 16.67 -17.41 12.04
CA VAL A 310 16.72 -16.92 13.41
C VAL A 310 15.61 -17.57 14.22
N TRP A 311 15.96 -18.16 15.35
CA TRP A 311 15.01 -18.71 16.31
C TRP A 311 14.88 -17.77 17.50
N VAL A 312 13.63 -17.49 17.89
CA VAL A 312 13.31 -16.41 18.84
C VAL A 312 12.42 -16.91 19.98
N LYS A 313 12.79 -16.60 21.22
CA LYS A 313 11.95 -16.83 22.39
C LYS A 313 11.46 -15.48 22.89
N ARG A 314 10.29 -15.49 23.51
CA ARG A 314 9.40 -14.34 23.56
C ARG A 314 8.74 -14.29 24.92
N ASP A 315 8.83 -13.14 25.60
CA ASP A 315 7.99 -12.84 26.74
C ASP A 315 6.53 -12.91 26.32
N PRO A 316 5.73 -13.82 26.88
CA PRO A 316 4.30 -13.84 26.54
C PRO A 316 3.58 -12.60 27.03
N ASN A 317 4.08 -11.98 28.11
CA ASN A 317 3.52 -10.72 28.63
C ASN A 317 4.25 -9.57 27.92
N MET A 318 3.67 -9.18 26.77
CA MET A 318 4.20 -8.27 25.73
C MET A 318 4.78 -9.07 24.57
N ILE A 319 4.01 -9.17 23.48
CA ILE A 319 4.33 -10.07 22.38
C ILE A 319 5.61 -9.67 21.66
N PHE A 320 5.90 -8.38 21.53
CA PHE A 320 7.06 -7.94 20.76
C PHE A 320 8.27 -7.65 21.64
N LYS A 321 8.40 -8.35 22.76
CA LYS A 321 9.61 -8.32 23.58
C LYS A 321 10.31 -9.67 23.46
N ILE A 322 11.59 -9.64 23.13
CA ILE A 322 12.35 -10.84 22.79
C ILE A 322 13.27 -11.18 23.95
N ASN A 323 13.05 -12.35 24.56
CA ASN A 323 13.86 -12.82 25.67
C ASN A 323 15.13 -13.54 25.23
N PHE A 324 15.15 -14.09 24.01
CA PHE A 324 16.31 -14.83 23.53
C PHE A 324 16.25 -14.94 22.02
N LYS A 325 17.39 -14.74 21.37
CA LYS A 325 17.52 -14.91 19.93
C LYS A 325 18.79 -15.68 19.63
N GLU A 326 18.79 -16.37 18.50
CA GLU A 326 19.94 -17.22 18.14
C GLU A 326 20.01 -17.37 16.63
N LEU A 327 21.16 -17.03 16.05
CA LEU A 327 21.40 -17.31 14.64
C LEU A 327 21.73 -18.77 14.46
N GLN A 328 21.29 -19.33 13.34
CA GLN A 328 21.52 -20.74 13.02
C GLN A 328 22.09 -20.98 11.64
N GLU A 329 21.92 -20.05 10.69
CA GLU A 329 22.56 -20.12 9.38
C GLU A 329 22.76 -18.70 8.88
N PHE A 330 23.59 -18.57 7.83
CA PHE A 330 23.90 -17.27 7.24
C PHE A 330 24.70 -17.44 5.96
N LYS A 331 24.03 -17.52 4.82
CA LYS A 331 24.70 -17.73 3.54
C LYS A 331 24.03 -16.90 2.46
N PRO A 332 24.53 -15.68 2.21
CA PRO A 332 23.90 -14.81 1.20
C PRO A 332 24.05 -15.40 -0.20
N VAL A 333 22.91 -15.62 -0.85
CA VAL A 333 22.88 -16.23 -2.17
C VAL A 333 22.91 -15.16 -3.26
#